data_2X5C
#
_entry.id   2X5C
#
_cell.length_a   53.880
_cell.length_b   53.880
_cell.length_c   127.459
_cell.angle_alpha   90.00
_cell.angle_beta   90.00
_cell.angle_gamma   120.00
#
_symmetry.space_group_name_H-M   'P 32 1 2'
#
loop_
_entity.id
_entity.type
_entity.pdbx_description
1 polymer 'HYPOTHETICAL PROTEIN ORF131'
2 non-polymer 'ZINC ION'
3 non-polymer GLYCEROL
4 water water
#
_entity_poly.entity_id   1
_entity_poly.type   'polypeptide(L)'
_entity_poly.pdbx_seq_one_letter_code
;GMGETPEGPMPNKKGKSEGGQIRTIPLKYYKQEYDMAADLVRMLRGLGVFMHAKCPRCGAEGSVSIVETKNGYKYLVIRH
PDGGTHTVPKTDISAILKELCEVKKDLEYVLKRYKEYEEEGGVKFCAEGRK
;
_entity_poly.pdbx_strand_id   A,B
#
# COMPACT_ATOMS: atom_id res chain seq x y z
N TYR A 30 4.15 0.12 -5.97
CA TYR A 30 3.58 -1.10 -6.54
C TYR A 30 3.96 -2.28 -5.68
N LYS A 31 5.25 -2.38 -5.34
CA LYS A 31 5.67 -3.55 -4.57
C LYS A 31 4.96 -3.56 -3.21
N GLN A 32 4.63 -2.38 -2.68
CA GLN A 32 4.02 -2.32 -1.34
C GLN A 32 2.63 -2.89 -1.48
N GLU A 33 1.91 -2.33 -2.43
CA GLU A 33 0.51 -2.69 -2.63
C GLU A 33 0.41 -4.19 -2.96
N TYR A 34 1.36 -4.69 -3.72
CA TYR A 34 1.38 -6.09 -4.16
C TYR A 34 1.59 -6.98 -2.95
N ASP A 35 2.56 -6.64 -2.09
CA ASP A 35 2.85 -7.46 -0.90
C ASP A 35 1.70 -7.42 0.12
N MET A 36 0.98 -6.31 0.21
CA MET A 36 -0.12 -6.28 1.18
C MET A 36 -1.24 -7.16 0.66
N ALA A 37 -1.52 -7.07 -0.62
CA ALA A 37 -2.53 -7.96 -1.22
C ALA A 37 -2.10 -9.41 -1.03
N ALA A 38 -0.83 -9.71 -1.33
CA ALA A 38 -0.32 -11.06 -1.20
C ALA A 38 -0.44 -11.55 0.24
N ASP A 39 -0.15 -10.67 1.18
CA ASP A 39 -0.32 -11.01 2.58
C ASP A 39 -1.77 -11.34 2.95
N LEU A 40 -2.73 -10.56 2.50
CA LEU A 40 -4.14 -10.94 2.72
C LEU A 40 -4.51 -12.28 2.04
N VAL A 41 -4.11 -12.46 0.80
CA VAL A 41 -4.44 -13.69 0.11
C VAL A 41 -3.86 -14.84 0.92
N ARG A 42 -2.67 -14.66 1.49
CA ARG A 42 -2.05 -15.72 2.28
C ARG A 42 -2.92 -16.10 3.49
N MET A 43 -3.32 -15.06 4.23
CA MET A 43 -4.14 -15.26 5.43
C MET A 43 -5.44 -15.95 5.06
N LEU A 44 -6.08 -15.47 4.00
CA LEU A 44 -7.40 -16.02 3.62
C LEU A 44 -7.27 -17.46 3.15
N ARG A 45 -6.21 -17.77 2.44
CA ARG A 45 -6.06 -19.11 1.92
C ARG A 45 -5.87 -20.09 3.10
N GLY A 46 -5.12 -19.66 4.11
CA GLY A 46 -4.92 -20.42 5.33
C GLY A 46 -6.23 -20.72 6.05
N LEU A 47 -7.19 -19.81 5.95
CA LEU A 47 -8.49 -20.02 6.58
C LEU A 47 -9.43 -20.89 5.76
N GLY A 48 -9.12 -21.04 4.49
CA GLY A 48 -9.90 -21.86 3.56
C GLY A 48 -10.72 -21.00 2.62
N VAL A 49 -10.57 -19.68 2.71
CA VAL A 49 -11.50 -18.75 2.02
C VAL A 49 -11.36 -18.75 0.51
N PHE A 50 -12.47 -19.10 -0.14
CA PHE A 50 -12.55 -19.18 -1.60
C PHE A 50 -12.31 -17.83 -2.26
N MET A 51 -11.38 -17.77 -3.23
CA MET A 51 -11.17 -16.56 -4.03
C MET A 51 -10.90 -16.79 -5.50
N HIS A 52 -11.62 -16.04 -6.33
CA HIS A 52 -11.54 -16.25 -7.76
C HIS A 52 -11.46 -14.88 -8.47
N ALA A 53 -10.79 -14.86 -9.63
CA ALA A 53 -10.54 -13.61 -10.35
C ALA A 53 -10.23 -13.84 -11.84
N LYS A 54 -10.40 -12.81 -12.68
CA LYS A 54 -9.96 -12.86 -14.07
C LYS A 54 -8.43 -12.64 -14.18
N CYS A 55 -7.75 -13.63 -14.76
CA CYS A 55 -6.30 -13.57 -14.89
C CYS A 55 -5.83 -12.47 -15.86
N PRO A 56 -4.93 -11.58 -15.39
CA PRO A 56 -4.35 -10.47 -16.15
C PRO A 56 -3.60 -10.94 -17.40
N ARG A 57 -3.15 -12.19 -17.36
CA ARG A 57 -2.41 -12.78 -18.45
C ARG A 57 -3.31 -13.53 -19.45
N CYS A 58 -4.22 -14.38 -18.96
CA CYS A 58 -5.02 -15.26 -19.85
C CYS A 58 -6.27 -14.59 -20.34
N GLY A 59 -6.93 -13.88 -19.44
CA GLY A 59 -8.32 -13.50 -19.60
C GLY A 59 -9.24 -14.50 -18.92
N ALA A 60 -8.68 -15.65 -18.56
CA ALA A 60 -9.51 -16.72 -18.05
C ALA A 60 -9.75 -16.55 -16.55
N GLU A 61 -10.89 -17.01 -16.06
CA GLU A 61 -11.10 -17.06 -14.62
C GLU A 61 -10.21 -18.13 -13.97
N GLY A 62 -9.73 -17.88 -12.76
CA GLY A 62 -9.02 -18.88 -12.00
C GLY A 62 -9.02 -18.51 -10.54
N SER A 63 -8.45 -19.40 -9.72
CA SER A 63 -8.40 -19.20 -8.29
C SER A 63 -7.18 -18.33 -7.91
N VAL A 64 -7.40 -17.38 -7.00
CA VAL A 64 -6.29 -16.50 -6.55
C VAL A 64 -5.48 -17.25 -5.50
N SER A 65 -4.18 -17.40 -5.73
CA SER A 65 -3.32 -17.94 -4.69
C SER A 65 -1.95 -17.24 -4.63
N ILE A 66 -1.10 -17.72 -3.75
CA ILE A 66 0.24 -17.20 -3.62
C ILE A 66 1.25 -18.33 -3.75
N VAL A 67 2.44 -17.99 -4.22
CA VAL A 67 3.57 -18.93 -4.30
C VAL A 67 4.75 -18.30 -3.57
N GLU A 68 5.59 -19.12 -2.95
CA GLU A 68 6.72 -18.60 -2.21
C GLU A 68 7.96 -19.13 -2.88
N THR A 69 8.85 -18.22 -3.27
CA THR A 69 10.13 -18.56 -3.87
C THR A 69 10.96 -19.24 -2.82
N LYS A 70 12.03 -19.89 -3.24
CA LYS A 70 12.95 -20.51 -2.30
C LYS A 70 13.51 -19.46 -1.33
N ASN A 71 13.49 -18.20 -1.72
CA ASN A 71 14.11 -17.14 -0.91
C ASN A 71 13.12 -16.43 0.03
N GLY A 72 11.87 -16.87 0.03
CA GLY A 72 10.90 -16.41 1.01
C GLY A 72 10.02 -15.29 0.50
N TYR A 73 10.13 -14.92 -0.79
CA TYR A 73 9.21 -13.90 -1.33
C TYR A 73 7.88 -14.49 -1.85
N LYS A 74 6.76 -13.97 -1.34
CA LYS A 74 5.45 -14.42 -1.80
C LYS A 74 4.91 -13.54 -2.92
N TYR A 75 4.61 -14.18 -4.06
CA TYR A 75 3.96 -13.52 -5.17
C TYR A 75 2.59 -14.16 -5.48
N LEU A 76 1.81 -13.42 -6.25
CA LEU A 76 0.45 -13.78 -6.59
C LEU A 76 0.37 -14.50 -7.89
N VAL A 77 -0.53 -15.48 -7.93
CA VAL A 77 -0.80 -16.24 -9.14
C VAL A 77 -2.29 -16.48 -9.29
N ILE A 78 -2.68 -16.81 -10.52
CA ILE A 78 -3.99 -17.37 -10.82
C ILE A 78 -3.85 -18.82 -11.30
N ARG A 79 -4.46 -19.75 -10.56
CA ARG A 79 -4.51 -21.16 -10.92
C ARG A 79 -5.80 -21.48 -11.67
N HIS A 80 -5.70 -21.77 -12.95
CA HIS A 80 -6.85 -22.04 -13.81
C HIS A 80 -7.24 -23.51 -13.70
N PRO A 81 -8.56 -23.79 -13.54
CA PRO A 81 -9.12 -25.09 -13.11
C PRO A 81 -8.59 -26.34 -13.81
N ASP A 82 -7.82 -26.16 -14.88
CA ASP A 82 -7.14 -27.29 -15.52
C ASP A 82 -5.66 -27.39 -15.14
N GLY A 83 -5.26 -26.68 -14.08
CA GLY A 83 -3.86 -26.72 -13.65
C GLY A 83 -2.95 -25.58 -14.09
N GLY A 84 -3.27 -24.91 -15.19
CA GLY A 84 -2.42 -23.81 -15.66
C GLY A 84 -2.34 -22.67 -14.64
N THR A 85 -1.13 -22.23 -14.27
CA THR A 85 -1.00 -21.15 -13.27
C THR A 85 -0.19 -19.96 -13.80
N HIS A 86 -0.71 -18.74 -13.66
CA HIS A 86 -0.04 -17.58 -14.22
C HIS A 86 0.33 -16.52 -13.19
N THR A 87 1.55 -16.01 -13.30
CA THR A 87 2.01 -15.01 -12.35
C THR A 87 1.23 -13.72 -12.57
N VAL A 88 0.85 -13.04 -11.48
CA VAL A 88 0.21 -11.76 -11.60
C VAL A 88 1.29 -10.69 -11.52
N PRO A 89 1.40 -9.87 -12.57
CA PRO A 89 2.36 -8.74 -12.59
C PRO A 89 2.08 -7.75 -11.51
N LYS A 90 3.14 -7.13 -11.03
CA LYS A 90 3.02 -6.19 -9.92
C LYS A 90 2.26 -4.93 -10.31
N THR A 91 2.21 -4.64 -11.60
CA THR A 91 1.55 -3.42 -12.09
C THR A 91 0.10 -3.61 -12.46
N ASP A 92 -0.45 -4.78 -12.19
CA ASP A 92 -1.77 -5.16 -12.68
C ASP A 92 -2.49 -6.06 -11.64
N ILE A 93 -2.86 -5.49 -10.51
CA ILE A 93 -3.49 -6.31 -9.45
C ILE A 93 -4.94 -5.90 -9.26
N SER A 94 -5.51 -5.14 -10.21
CA SER A 94 -6.89 -4.65 -10.07
C SER A 94 -7.92 -5.74 -9.84
N ALA A 95 -7.81 -6.83 -10.58
CA ALA A 95 -8.80 -7.91 -10.43
C ALA A 95 -8.62 -8.65 -9.08
N ILE A 96 -7.38 -8.72 -8.57
CA ILE A 96 -7.15 -9.29 -7.26
CA ILE A 96 -7.15 -9.30 -7.26
C ILE A 96 -7.71 -8.38 -6.14
N LEU A 97 -7.48 -7.08 -6.27
CA LEU A 97 -8.02 -6.12 -5.31
C LEU A 97 -9.58 -6.19 -5.33
N LYS A 98 -10.19 -6.27 -6.51
CA LYS A 98 -11.65 -6.38 -6.60
C LYS A 98 -12.14 -7.60 -5.82
N GLU A 99 -11.48 -8.75 -5.99
CA GLU A 99 -11.94 -9.93 -5.22
C GLU A 99 -11.68 -9.79 -3.71
N LEU A 100 -10.54 -9.22 -3.33
CA LEU A 100 -10.29 -8.98 -1.93
C LEU A 100 -11.37 -8.06 -1.36
N CYS A 101 -11.85 -7.10 -2.16
CA CYS A 101 -12.95 -6.23 -1.74
C CYS A 101 -14.18 -7.10 -1.44
N GLU A 102 -14.50 -8.04 -2.33
CA GLU A 102 -15.74 -8.86 -2.12
C GLU A 102 -15.61 -9.71 -0.86
N VAL A 103 -14.47 -10.33 -0.71
CA VAL A 103 -14.16 -11.09 0.50
C VAL A 103 -14.29 -10.20 1.73
N LYS A 104 -13.75 -8.99 1.70
CA LYS A 104 -13.86 -8.10 2.85
C LYS A 104 -15.34 -7.86 3.24
N LYS A 105 -16.17 -7.54 2.27
CA LYS A 105 -17.58 -7.38 2.55
C LYS A 105 -18.21 -8.66 3.13
N ASP A 106 -17.86 -9.84 2.61
CA ASP A 106 -18.44 -11.09 3.16
C ASP A 106 -18.01 -11.25 4.63
N LEU A 107 -16.74 -10.96 4.92
CA LEU A 107 -16.29 -11.12 6.30
C LEU A 107 -16.90 -10.07 7.24
N GLU A 108 -17.06 -8.85 6.75
CA GLU A 108 -17.76 -7.84 7.53
C GLU A 108 -19.19 -8.29 7.88
N TYR A 109 -19.87 -8.87 6.89
CA TYR A 109 -21.26 -9.33 7.09
C TYR A 109 -21.27 -10.44 8.14
N VAL A 110 -20.33 -11.41 8.09
CA VAL A 110 -20.30 -12.50 9.08
C VAL A 110 -20.06 -11.90 10.43
N LEU A 111 -19.13 -10.94 10.55
CA LEU A 111 -18.87 -10.38 11.88
C LEU A 111 -20.05 -9.56 12.39
N LYS A 112 -20.77 -8.91 11.49
CA LYS A 112 -21.94 -8.15 11.90
C LYS A 112 -22.95 -9.14 12.51
N ARG A 113 -23.07 -10.33 11.90
CA ARG A 113 -24.00 -11.31 12.47
C ARG A 113 -23.51 -11.87 13.81
N TYR A 114 -22.21 -12.11 13.96
CA TYR A 114 -21.69 -12.53 15.26
C TYR A 114 -22.09 -11.45 16.28
N LYS A 115 -21.90 -10.17 15.92
CA LYS A 115 -22.12 -9.06 16.90
C LYS A 115 -23.61 -9.07 17.30
N GLU A 116 -24.43 -9.22 16.29
CA GLU A 116 -25.88 -9.28 16.54
C GLU A 116 -26.27 -10.45 17.48
N TYR A 117 -25.77 -11.64 17.18
CA TYR A 117 -26.12 -12.83 17.94
C TYR A 117 -25.57 -12.80 19.38
N GLU A 118 -24.40 -12.19 19.60
CA GLU A 118 -23.90 -11.93 20.97
C GLU A 118 -24.67 -10.80 21.71
N GLU A 119 -24.74 -9.63 21.10
CA GLU A 119 -25.32 -8.44 21.77
C GLU A 119 -26.83 -8.49 21.83
N GLU A 120 -27.47 -8.82 20.73
CA GLU A 120 -28.94 -8.90 20.71
C GLU A 120 -29.47 -10.30 21.03
N GLY A 121 -28.72 -11.33 20.66
CA GLY A 121 -29.14 -12.72 20.89
C GLY A 121 -28.69 -13.37 22.19
N GLY A 122 -27.77 -12.73 22.92
CA GLY A 122 -27.33 -13.25 24.20
C GLY A 122 -26.33 -14.42 24.09
N VAL A 123 -25.85 -14.74 22.88
CA VAL A 123 -24.93 -15.90 22.74
C VAL A 123 -23.49 -15.49 23.08
N LYS A 124 -22.88 -16.22 24.00
CA LYS A 124 -21.53 -15.93 24.43
C LYS A 124 -20.62 -16.89 23.65
N PHE A 125 -20.14 -16.52 22.47
CA PHE A 125 -19.33 -17.48 21.69
C PHE A 125 -17.99 -17.75 22.34
N CYS A 126 -17.44 -16.70 22.89
CA CYS A 126 -16.17 -16.83 23.57
C CYS A 126 -16.48 -16.94 25.04
N ALA A 127 -16.60 -18.15 25.53
CA ALA A 127 -16.94 -18.35 26.94
C ALA A 127 -15.85 -17.70 27.79
N GLU A 128 -16.27 -16.72 28.58
CA GLU A 128 -15.34 -15.93 29.39
C GLU A 128 -16.14 -15.11 30.38
N TYR B 30 -0.16 26.40 9.17
CA TYR B 30 -1.39 26.03 9.85
C TYR B 30 -2.10 24.86 9.17
N LYS B 31 -3.43 24.88 9.12
CA LYS B 31 -4.18 23.76 8.55
C LYS B 31 -3.93 23.59 7.04
N GLN B 32 -3.93 24.67 6.29
CA GLN B 32 -3.65 24.61 4.85
C GLN B 32 -2.25 24.03 4.58
N GLU B 33 -1.24 24.57 5.28
CA GLU B 33 0.14 24.05 5.11
C GLU B 33 0.19 22.56 5.36
N TYR B 34 -0.45 22.15 6.44
CA TYR B 34 -0.46 20.74 6.83
C TYR B 34 -1.01 19.88 5.68
N ASP B 35 -2.13 20.28 5.08
CA ASP B 35 -2.71 19.47 3.98
C ASP B 35 -1.82 19.39 2.76
N MET B 36 -1.20 20.49 2.42
CA MET B 36 -0.27 20.49 1.28
C MET B 36 0.94 19.62 1.55
N ALA B 37 1.49 19.66 2.77
CA ALA B 37 2.60 18.74 3.12
C ALA B 37 2.11 17.32 3.02
N ALA B 38 0.90 17.06 3.50
CA ALA B 38 0.40 15.70 3.49
C ALA B 38 0.23 15.22 2.05
N ASP B 39 -0.21 16.09 1.19
CA ASP B 39 -0.42 15.73 -0.19
C ASP B 39 0.95 15.39 -0.82
N LEU B 40 2.00 16.19 -0.53
CA LEU B 40 3.32 15.89 -1.11
C LEU B 40 3.81 14.54 -0.60
N VAL B 41 3.60 14.27 0.68
CA VAL B 41 4.06 13.03 1.25
C VAL B 41 3.32 11.86 0.58
N ARG B 42 2.01 11.99 0.37
CA ARG B 42 1.25 10.96 -0.35
C ARG B 42 1.79 10.71 -1.77
N MET B 43 2.00 11.80 -2.53
CA MET B 43 2.51 11.68 -3.89
C MET B 43 3.91 11.00 -3.85
N LEU B 44 4.77 11.49 -2.96
CA LEU B 44 6.11 10.92 -2.88
C LEU B 44 5.98 9.43 -2.53
N ARG B 45 5.06 9.08 -1.63
CA ARG B 45 4.95 7.69 -1.24
C ARG B 45 4.62 6.84 -2.46
N GLY B 46 3.72 7.33 -3.31
CA GLY B 46 3.41 6.66 -4.56
C GLY B 46 4.62 6.40 -5.47
N LEU B 47 5.55 7.33 -5.51
CA LEU B 47 6.81 7.14 -6.26
C LEU B 47 7.83 6.25 -5.52
N GLY B 48 7.55 5.94 -4.25
CA GLY B 48 8.44 5.07 -3.50
C GLY B 48 9.38 5.87 -2.61
N VAL B 49 9.24 7.21 -2.58
CA VAL B 49 10.15 8.03 -1.82
C VAL B 49 9.64 8.13 -0.38
N PHE B 50 10.45 7.67 0.57
CA PHE B 50 10.00 7.68 1.99
C PHE B 50 10.96 8.49 2.83
N MET B 51 10.45 9.50 3.54
CA MET B 51 11.32 10.40 4.33
C MET B 51 11.41 9.90 5.75
N HIS B 52 12.50 10.25 6.43
CA HIS B 52 12.64 9.90 7.83
C HIS B 52 12.78 11.22 8.63
N ALA B 53 12.11 11.34 9.78
CA ALA B 53 12.15 12.59 10.52
C ALA B 53 12.04 12.28 11.99
N LYS B 54 12.52 13.20 12.82
CA LYS B 54 12.34 13.12 14.26
C LYS B 54 10.84 13.34 14.64
N CYS B 55 10.23 12.34 15.24
CA CYS B 55 8.82 12.34 15.63
C CYS B 55 8.49 13.42 16.64
N PRO B 56 7.46 14.21 16.35
CA PRO B 56 7.02 15.28 17.29
C PRO B 56 6.39 14.77 18.58
N ARG B 57 5.98 13.51 18.66
CA ARG B 57 5.41 12.97 19.93
C ARG B 57 6.46 12.30 20.84
N CYS B 58 7.37 11.50 20.28
CA CYS B 58 8.29 10.77 21.15
C CYS B 58 9.76 11.13 20.95
N GLY B 59 10.04 11.96 19.95
CA GLY B 59 11.40 12.38 19.65
C GLY B 59 12.32 11.35 18.96
N ALA B 60 11.85 10.12 18.73
CA ALA B 60 12.62 9.09 17.98
C ALA B 60 12.48 9.29 16.47
N GLU B 61 13.48 8.92 15.69
CA GLU B 61 13.30 8.91 14.23
C GLU B 61 12.22 7.90 13.83
N GLY B 62 11.43 8.23 12.81
CA GLY B 62 10.55 7.27 12.18
C GLY B 62 10.38 7.67 10.73
N SER B 63 9.64 6.90 9.94
CA SER B 63 9.47 7.29 8.54
C SER B 63 8.18 8.08 8.43
N VAL B 64 8.18 9.10 7.58
CA VAL B 64 7.04 9.97 7.45
C VAL B 64 6.02 9.31 6.59
N SER B 65 4.75 9.38 6.98
CA SER B 65 3.76 8.79 6.11
C SER B 65 2.42 9.44 6.34
N ILE B 66 1.39 8.93 5.67
CA ILE B 66 0.08 9.44 5.94
C ILE B 66 -0.87 8.31 6.32
N VAL B 67 -1.94 8.69 7.03
CA VAL B 67 -3.10 7.81 7.24
C VAL B 67 -4.32 8.45 6.58
N GLU B 68 -5.14 7.62 5.93
CA GLU B 68 -6.24 8.12 5.15
C GLU B 68 -7.47 7.39 5.65
N THR B 69 -8.50 8.15 6.01
CA THR B 69 -9.78 7.56 6.46
C THR B 69 -10.76 7.29 5.32
N LYS B 70 -11.87 6.64 5.64
CA LYS B 70 -12.88 6.29 4.64
C LYS B 70 -13.25 7.51 3.81
N ASN B 71 -13.49 8.63 4.48
CA ASN B 71 -13.91 9.86 3.81
C ASN B 71 -12.89 10.45 2.84
N GLY B 72 -11.63 10.08 2.99
CA GLY B 72 -10.58 10.59 2.13
C GLY B 72 -9.71 11.55 2.91
N TYR B 73 -10.17 11.89 4.11
CA TYR B 73 -9.42 12.76 5.01
C TYR B 73 -8.06 12.11 5.31
N LYS B 74 -6.99 12.91 5.25
CA LYS B 74 -5.64 12.38 5.40
C LYS B 74 -4.89 13.17 6.46
N TYR B 75 -4.08 12.47 7.24
CA TYR B 75 -3.23 13.18 8.17
C TYR B 75 -1.82 12.54 8.19
N LEU B 76 -0.85 13.24 8.72
CA LEU B 76 0.53 12.82 8.71
C LEU B 76 0.83 11.99 9.96
N VAL B 77 1.69 10.98 9.83
CA VAL B 77 2.12 10.15 10.96
C VAL B 77 3.61 9.89 10.85
N ILE B 78 4.22 9.46 11.96
CA ILE B 78 5.61 8.99 11.93
C ILE B 78 5.55 7.53 12.33
N ARG B 79 6.07 6.64 11.49
CA ARG B 79 6.13 5.19 11.80
C ARG B 79 7.55 4.76 12.21
N HIS B 80 7.66 4.16 13.39
CA HIS B 80 8.95 3.81 13.97
C HIS B 80 9.29 2.36 13.61
N PRO B 81 10.59 2.01 13.60
CA PRO B 81 10.95 0.63 13.26
C PRO B 81 10.21 -0.43 14.09
N ASP B 82 9.80 -0.10 15.32
CA ASP B 82 9.09 -1.08 16.16
C ASP B 82 7.57 -1.13 15.96
N GLY B 83 7.03 -0.50 14.93
CA GLY B 83 5.60 -0.55 14.69
C GLY B 83 4.78 0.57 15.35
N GLY B 84 5.37 1.23 16.33
CA GLY B 84 4.74 2.41 16.93
C GLY B 84 4.49 3.43 15.83
N THR B 85 3.28 4.00 15.79
CA THR B 85 3.00 5.07 14.85
C THR B 85 2.30 6.20 15.58
N HIS B 86 2.83 7.41 15.38
CA HIS B 86 2.33 8.57 16.10
C HIS B 86 1.92 9.65 15.13
N THR B 87 0.85 10.37 15.50
CA THR B 87 0.30 11.37 14.61
C THR B 87 1.14 12.61 14.70
N VAL B 88 1.15 13.38 13.62
CA VAL B 88 1.89 14.63 13.55
C VAL B 88 0.88 15.76 13.83
N PRO B 89 1.09 16.54 14.89
CA PRO B 89 0.13 17.64 15.16
C PRO B 89 0.13 18.72 14.06
N LYS B 90 -0.97 19.42 13.82
CA LYS B 90 -0.95 20.44 12.78
C LYS B 90 -0.01 21.60 13.10
N THR B 91 0.32 21.73 14.39
CA THR B 91 1.18 22.85 14.80
C THR B 91 2.70 22.57 14.86
N ASP B 92 3.12 21.37 14.42
CA ASP B 92 4.56 21.01 14.47
C ASP B 92 4.79 20.16 13.21
N ILE B 93 4.95 20.78 12.06
CA ILE B 93 5.41 20.02 10.90
C ILE B 93 6.83 20.42 10.48
N SER B 94 7.56 21.18 11.27
CA SER B 94 8.85 21.72 10.75
C SER B 94 9.80 20.60 10.32
N ALA B 95 9.82 19.49 11.02
CA ALA B 95 10.77 18.41 10.67
C ALA B 95 10.34 17.78 9.33
N ILE B 96 9.04 17.67 9.12
CA ILE B 96 8.57 17.21 7.82
C ILE B 96 8.82 18.19 6.65
N LEU B 97 8.60 19.50 6.86
CA LEU B 97 8.95 20.47 5.78
C LEU B 97 10.45 20.37 5.45
N LYS B 98 11.30 20.24 6.47
CA LYS B 98 12.75 20.14 6.24
C LYS B 98 13.05 18.94 5.33
N GLU B 99 12.48 17.77 5.64
CA GLU B 99 12.68 16.59 4.81
C GLU B 99 12.08 16.77 3.43
N LEU B 100 10.91 17.41 3.33
CA LEU B 100 10.34 17.70 1.98
C LEU B 100 11.31 18.61 1.17
N CYS B 101 11.88 19.64 1.83
CA CYS B 101 12.91 20.44 1.12
C CYS B 101 14.07 19.58 0.62
N GLU B 102 14.60 18.67 1.45
CA GLU B 102 15.76 17.85 1.00
C GLU B 102 15.37 16.95 -0.18
N VAL B 103 14.17 16.37 -0.11
CA VAL B 103 13.63 15.57 -1.23
C VAL B 103 13.56 16.44 -2.47
N LYS B 104 13.06 17.67 -2.36
CA LYS B 104 12.96 18.50 -3.52
C LYS B 104 14.35 18.61 -4.21
N LYS B 105 15.37 18.85 -3.40
CA LYS B 105 16.74 19.03 -3.93
C LYS B 105 17.22 17.74 -4.54
N ASP B 106 16.93 16.61 -3.88
CA ASP B 106 17.20 15.27 -4.47
C ASP B 106 16.58 15.07 -5.84
N LEU B 107 15.28 15.42 -5.99
CA LEU B 107 14.65 15.32 -7.30
C LEU B 107 15.31 16.27 -8.30
N GLU B 108 15.64 17.48 -7.89
CA GLU B 108 16.27 18.44 -8.80
C GLU B 108 17.65 17.93 -9.25
N TYR B 109 18.31 17.23 -8.35
CA TYR B 109 19.64 16.75 -8.67
C TYR B 109 19.50 15.62 -9.72
N VAL B 110 18.52 14.75 -9.49
CA VAL B 110 18.31 13.64 -10.41
C VAL B 110 17.96 14.20 -11.79
N LEU B 111 17.06 15.22 -11.82
CA LEU B 111 16.73 15.81 -13.12
C LEU B 111 17.92 16.50 -13.81
N LYS B 112 18.83 17.06 -13.02
CA LYS B 112 20.07 17.64 -13.55
C LYS B 112 20.92 16.59 -14.25
N ARG B 113 20.94 15.39 -13.71
CA ARG B 113 21.69 14.27 -14.34
C ARG B 113 21.00 13.78 -15.60
N TYR B 114 19.66 13.75 -15.61
CA TYR B 114 18.92 13.44 -16.82
C TYR B 114 19.37 14.43 -17.87
N LYS B 115 19.31 15.70 -17.49
CA LYS B 115 19.66 16.78 -18.40
C LYS B 115 21.07 16.56 -18.94
N GLU B 116 22.02 16.30 -18.04
CA GLU B 116 23.41 16.02 -18.45
C GLU B 116 23.51 14.84 -19.44
N TYR B 117 22.75 13.76 -19.21
CA TYR B 117 22.82 12.57 -20.10
C TYR B 117 22.08 12.80 -21.43
N GLU B 118 20.99 13.57 -21.42
CA GLU B 118 20.28 13.88 -22.66
C GLU B 118 21.12 14.82 -23.52
N GLU B 119 21.68 15.84 -22.88
CA GLU B 119 22.36 16.88 -23.66
C GLU B 119 23.76 16.47 -23.99
N GLU B 120 24.64 16.47 -22.99
CA GLU B 120 26.03 16.05 -23.19
C GLU B 120 26.17 14.57 -23.52
N GLY B 121 25.31 13.75 -22.96
CA GLY B 121 25.39 12.32 -23.21
C GLY B 121 24.76 11.90 -24.50
N GLY B 122 23.84 12.72 -25.02
CA GLY B 122 23.09 12.40 -26.24
C GLY B 122 22.04 11.31 -26.10
N VAL B 123 21.73 10.92 -24.87
CA VAL B 123 20.76 9.83 -24.66
C VAL B 123 19.36 10.38 -24.84
N LYS B 124 18.56 9.71 -25.66
CA LYS B 124 17.17 10.11 -25.83
C LYS B 124 16.28 9.22 -24.94
N PHE B 125 15.96 9.70 -23.75
CA PHE B 125 15.10 8.92 -22.87
C PHE B 125 13.73 8.87 -23.44
N CYS B 126 13.25 10.03 -23.89
CA CYS B 126 11.88 10.15 -24.37
C CYS B 126 11.91 10.12 -25.89
N ALA B 127 10.95 9.45 -26.48
CA ALA B 127 10.91 9.31 -27.93
C ALA B 127 10.55 10.65 -28.60
N GLU B 128 10.72 10.71 -29.91
CA GLU B 128 10.27 11.87 -30.68
C GLU B 128 8.78 12.05 -30.42
N GLY B 129 8.37 13.28 -30.16
CA GLY B 129 6.96 13.55 -29.95
C GLY B 129 6.65 13.46 -28.47
N ARG B 130 7.66 13.08 -27.66
CA ARG B 130 7.47 12.96 -26.21
C ARG B 130 8.54 13.78 -25.48
#